data_5Q0L
#
_entry.id   5Q0L
#
_cell.length_a   71.847
_cell.length_b   82.960
_cell.length_c   188.971
_cell.angle_alpha   90.000
_cell.angle_beta   90.000
_cell.angle_gamma   90.000
#
_symmetry.space_group_name_H-M   'C 2 2 21'
#
loop_
_entity.id
_entity.type
_entity.pdbx_description
1 polymer 'Bile acid receptor'
2 polymer 'COACTIVATOR PEPTIDE SRC-1 HD3'
3 non-polymer (2S)-N,2-dicyclohexyl-2-{2-[4-(hydroxymethyl)phenyl]-1H-benzimidazol-1-yl}acetamide
4 water water
#
loop_
_entity_poly.entity_id
_entity_poly.type
_entity_poly.pdbx_seq_one_letter_code
_entity_poly.pdbx_strand_id
1 'polypeptide(L)'
;GSH(MSE)ELTPDQQTLLHFI(MSE)DSYNKQR(MSE)PQEITNKILKEAFSAEENFLILTE(MSE)ATNHVQVLVEFTK
KLPGFQTLDHEDQIALLKGSAVEA(MSE)FLRSAEIFNKKLPSGHSDLLEARIRNSGISDEYITP(MSE)FSFYKSIGEL
K(MSE)TQEEYALLTAIVILSPDRQYIKDREAVEKLQEPLLDVLQKLCKIHQPENPQHFACLLGRLTELRTFNHHHAE
(MSE)L(MSE)SWRVNDHKFTPLLCEIWDVQ
;
A,C
2 'polypeptide(L)' KDHQLLRYLLDKDE B,D
#
# COMPACT_ATOMS: atom_id res chain seq x y z
N GLU A 5 -1.95 -22.14 9.09
CA GLU A 5 -2.86 -21.84 10.20
C GLU A 5 -2.29 -20.79 11.19
N LEU A 6 -3.18 -20.03 11.87
CA LEU A 6 -2.79 -18.97 12.81
C LEU A 6 -2.12 -19.45 14.09
N THR A 7 -1.12 -18.68 14.56
CA THR A 7 -0.42 -19.01 15.81
C THR A 7 -1.32 -18.60 16.98
N PRO A 8 -1.16 -19.17 18.21
CA PRO A 8 -2.01 -18.74 19.34
C PRO A 8 -2.02 -17.23 19.62
N ASP A 9 -0.88 -16.56 19.37
CA ASP A 9 -0.70 -15.11 19.52
C ASP A 9 -1.55 -14.36 18.50
N GLN A 10 -1.55 -14.86 17.27
CA GLN A 10 -2.30 -14.28 16.16
C GLN A 10 -3.81 -14.42 16.37
N GLN A 11 -4.23 -15.60 16.88
CA GLN A 11 -5.62 -15.94 17.18
C GLN A 11 -6.14 -15.01 18.28
N THR A 12 -5.28 -14.76 19.30
CA THR A 12 -5.58 -13.87 20.42
C THR A 12 -5.69 -12.44 19.90
N LEU A 13 -4.78 -12.05 19.00
CA LEU A 13 -4.76 -10.73 18.38
C LEU A 13 -6.03 -10.48 17.55
N LEU A 14 -6.41 -11.45 16.70
CA LEU A 14 -7.59 -11.44 15.85
C LEU A 14 -8.88 -11.25 16.66
N HIS A 15 -9.05 -12.02 17.75
CA HIS A 15 -10.23 -11.94 18.60
C HIS A 15 -10.33 -10.65 19.36
N PHE A 16 -9.17 -10.12 19.77
CA PHE A 16 -9.09 -8.86 20.49
C PHE A 16 -9.52 -7.70 19.57
N ILE A 17 -9.04 -7.72 18.29
CA ILE A 17 -9.37 -6.73 17.26
C ILE A 17 -10.87 -6.82 16.93
N ASP A 19 -13.51 -8.03 18.83
CA ASP A 19 -14.37 -7.56 19.92
C ASP A 19 -14.42 -6.05 19.94
N SER A 20 -13.24 -5.44 19.81
CA SER A 20 -13.01 -4.00 19.78
C SER A 20 -13.74 -3.35 18.61
N TYR A 21 -13.70 -4.00 17.44
CA TYR A 21 -14.36 -3.56 16.20
C TYR A 21 -15.88 -3.61 16.31
N ASN A 22 -16.41 -4.58 17.08
CA ASN A 22 -17.85 -4.77 17.25
C ASN A 22 -18.52 -3.74 18.15
N LYS A 23 -17.72 -2.86 18.80
CA LYS A 23 -18.24 -1.76 19.63
C LYS A 23 -18.86 -0.65 18.74
N GLN A 24 -18.79 -0.83 17.42
CA GLN A 24 -19.34 0.08 16.41
C GLN A 24 -20.85 -0.02 16.33
N ARG A 25 -21.49 1.01 15.74
CA ARG A 25 -22.94 1.08 15.50
C ARG A 25 -23.28 -0.03 14.51
N PRO A 27 -24.61 -2.33 11.52
CA PRO A 27 -24.99 -2.00 10.12
C PRO A 27 -26.50 -1.94 9.87
N GLN A 28 -27.26 -2.71 10.67
CA GLN A 28 -28.73 -2.78 10.65
C GLN A 28 -29.34 -1.44 11.09
N GLU A 29 -28.76 -0.78 12.10
CA GLU A 29 -29.22 0.52 12.64
C GLU A 29 -29.18 1.65 11.59
N ILE A 30 -28.15 1.64 10.71
CA ILE A 30 -27.94 2.63 9.65
C ILE A 30 -28.93 2.41 8.48
N THR A 31 -28.93 1.16 7.91
CA THR A 31 -29.77 0.72 6.79
C THR A 31 -31.27 0.86 7.08
N ASN A 32 -31.73 0.36 8.26
CA ASN A 32 -33.15 0.45 8.68
C ASN A 32 -33.61 1.90 8.75
N LYS A 33 -32.74 2.82 9.20
CA LYS A 33 -33.03 4.25 9.33
C LYS A 33 -33.29 4.92 7.97
N ILE A 34 -32.44 4.65 6.97
CA ILE A 34 -32.55 5.30 5.66
C ILE A 34 -33.52 4.52 4.71
N LEU A 35 -33.72 3.19 4.92
CA LEU A 35 -34.63 2.38 4.10
C LEU A 35 -36.10 2.65 4.42
N LYS A 36 -36.43 2.86 5.71
CA LYS A 36 -37.80 3.10 6.16
C LYS A 36 -38.42 4.37 5.58
N GLU A 37 -37.74 5.51 5.74
CA GLU A 37 -38.22 6.80 5.27
C GLU A 37 -37.25 7.45 4.28
N ALA A 38 -37.81 8.19 3.31
CA ALA A 38 -37.06 8.97 2.34
C ALA A 38 -36.90 10.36 2.96
N PHE A 39 -35.67 10.87 2.97
CA PHE A 39 -35.38 12.16 3.60
C PHE A 39 -34.92 13.22 2.60
N SER A 40 -35.06 14.49 3.00
CA SER A 40 -34.60 15.62 2.21
C SER A 40 -33.07 15.69 2.34
N ALA A 41 -32.41 16.44 1.45
CA ALA A 41 -30.95 16.58 1.50
C ALA A 41 -30.49 17.16 2.84
N GLU A 42 -31.31 18.07 3.44
CA GLU A 42 -31.07 18.72 4.73
C GLU A 42 -31.02 17.68 5.87
N GLU A 43 -32.02 16.79 5.92
CA GLU A 43 -32.13 15.73 6.92
C GLU A 43 -31.01 14.69 6.74
N ASN A 44 -30.69 14.33 5.49
CA ASN A 44 -29.65 13.39 5.11
C ASN A 44 -28.23 13.89 5.47
N PHE A 45 -27.99 15.22 5.31
CA PHE A 45 -26.72 15.86 5.69
C PHE A 45 -26.51 15.72 7.20
N LEU A 46 -27.59 16.01 7.97
CA LEU A 46 -27.70 15.91 9.42
C LEU A 46 -27.54 14.45 9.88
N ILE A 47 -28.14 13.48 9.14
CA ILE A 47 -27.97 12.05 9.44
C ILE A 47 -26.49 11.69 9.30
N LEU A 48 -25.84 12.05 8.15
CA LEU A 48 -24.44 11.77 7.92
C LEU A 48 -23.52 12.37 9.00
N THR A 49 -23.72 13.64 9.34
CA THR A 49 -22.98 14.38 10.36
C THR A 49 -23.09 13.67 11.75
N GLU A 50 -24.27 13.15 12.12
CA GLU A 50 -24.49 12.44 13.38
C GLU A 50 -23.77 11.07 13.34
N ALA A 52 -21.20 10.16 11.37
CA ALA A 52 -19.77 10.41 11.29
C ALA A 52 -19.15 10.82 12.62
N THR A 53 -19.91 11.55 13.46
CA THR A 53 -19.44 11.96 14.78
C THR A 53 -19.35 10.72 15.67
N ASN A 54 -20.39 9.87 15.64
CA ASN A 54 -20.39 8.62 16.40
C ASN A 54 -19.23 7.74 15.90
N HIS A 55 -19.08 7.61 14.56
CA HIS A 55 -18.01 6.87 13.92
C HIS A 55 -16.61 7.30 14.40
N VAL A 56 -16.32 8.61 14.40
CA VAL A 56 -15.02 9.15 14.86
C VAL A 56 -14.76 8.78 16.32
N GLN A 57 -15.80 8.95 17.16
CA GLN A 57 -15.71 8.63 18.59
C GLN A 57 -15.31 7.17 18.82
N VAL A 58 -16.01 6.24 18.16
CA VAL A 58 -15.78 4.79 18.24
C VAL A 58 -14.43 4.43 17.57
N LEU A 59 -14.01 5.20 16.55
CA LEU A 59 -12.75 5.00 15.85
C LEU A 59 -11.57 5.33 16.78
N VAL A 60 -11.68 6.40 17.58
CA VAL A 60 -10.63 6.78 18.53
C VAL A 60 -10.45 5.65 19.56
N GLU A 61 -11.58 5.09 20.07
CA GLU A 61 -11.60 4.00 21.04
C GLU A 61 -11.04 2.70 20.47
N PHE A 62 -11.35 2.40 19.20
CA PHE A 62 -10.83 1.23 18.50
C PHE A 62 -9.31 1.36 18.35
N THR A 63 -8.87 2.53 17.86
CA THR A 63 -7.47 2.89 17.63
C THR A 63 -6.61 2.80 18.90
N LYS A 64 -7.11 3.34 20.03
CA LYS A 64 -6.34 3.31 21.28
C LYS A 64 -6.27 1.88 21.88
N LYS A 65 -7.12 0.96 21.42
CA LYS A 65 -7.05 -0.44 21.85
C LYS A 65 -6.13 -1.24 20.92
N LEU A 66 -5.61 -0.62 19.81
CA LEU A 66 -4.70 -1.32 18.89
C LEU A 66 -3.37 -1.55 19.61
N PRO A 67 -2.85 -2.80 19.62
CA PRO A 67 -1.61 -3.08 20.39
C PRO A 67 -0.42 -2.18 20.05
N GLY A 68 0.12 -1.54 21.07
CA GLY A 68 1.26 -0.65 20.96
C GLY A 68 0.94 0.78 20.59
N PHE A 69 -0.33 1.10 20.25
CA PHE A 69 -0.74 2.45 19.87
C PHE A 69 -0.46 3.49 20.96
N GLN A 70 -0.74 3.15 22.24
CA GLN A 70 -0.51 4.02 23.38
C GLN A 70 0.98 4.26 23.67
N THR A 71 1.87 3.40 23.13
CA THR A 71 3.33 3.55 23.32
C THR A 71 3.93 4.54 22.29
N LEU A 72 3.13 4.97 21.28
CA LEU A 72 3.58 5.89 20.24
C LEU A 72 3.62 7.31 20.73
N ASP A 73 4.45 8.13 20.07
CA ASP A 73 4.59 9.57 20.29
C ASP A 73 3.20 10.18 20.06
N HIS A 74 2.79 11.07 20.98
CA HIS A 74 1.48 11.71 21.01
C HIS A 74 1.15 12.52 19.76
N GLU A 75 2.16 13.07 19.07
CA GLU A 75 1.96 13.84 17.84
C GLU A 75 1.68 12.89 16.66
N ASP A 76 2.32 11.71 16.66
CA ASP A 76 2.13 10.69 15.62
C ASP A 76 0.76 10.04 15.78
N GLN A 77 0.27 9.96 17.02
CA GLN A 77 -1.04 9.44 17.40
C GLN A 77 -2.15 10.25 16.72
N ILE A 78 -2.08 11.60 16.83
CA ILE A 78 -3.02 12.55 16.23
C ILE A 78 -2.96 12.40 14.71
N ALA A 79 -1.72 12.42 14.16
CA ALA A 79 -1.45 12.32 12.73
C ALA A 79 -2.09 11.07 12.11
N LEU A 80 -1.95 9.89 12.77
CA LEU A 80 -2.53 8.62 12.36
C LEU A 80 -4.07 8.67 12.34
N LEU A 81 -4.66 9.22 13.40
CA LEU A 81 -6.12 9.36 13.50
C LEU A 81 -6.70 10.33 12.48
N LYS A 82 -6.10 11.50 12.31
CA LYS A 82 -6.51 12.46 11.30
C LYS A 82 -6.31 11.85 9.88
N GLY A 83 -5.21 11.13 9.69
CA GLY A 83 -4.81 10.51 8.43
C GLY A 83 -5.73 9.41 7.92
N SER A 84 -6.33 8.64 8.85
CA SER A 84 -7.16 7.48 8.53
C SER A 84 -8.68 7.65 8.67
N ALA A 85 -9.14 8.66 9.43
CA ALA A 85 -10.56 8.85 9.76
C ALA A 85 -11.52 8.83 8.56
N VAL A 86 -11.22 9.55 7.47
CA VAL A 86 -12.07 9.57 6.29
C VAL A 86 -12.09 8.18 5.59
N GLU A 87 -10.92 7.56 5.45
CA GLU A 87 -10.75 6.24 4.84
C GLU A 87 -11.53 5.17 5.63
N ALA A 88 -11.40 5.19 6.97
CA ALA A 88 -12.07 4.27 7.90
C ALA A 88 -13.58 4.39 7.79
N PHE A 90 -15.32 5.57 4.96
CA PHE A 90 -15.73 5.03 3.67
C PHE A 90 -15.62 3.51 3.62
N LEU A 91 -14.63 2.92 4.33
CA LEU A 91 -14.49 1.47 4.40
C LEU A 91 -15.66 0.87 5.17
N ARG A 92 -16.11 1.55 6.25
CA ARG A 92 -17.25 1.15 7.10
C ARG A 92 -18.56 1.29 6.33
N SER A 93 -18.71 2.35 5.51
CA SER A 93 -19.89 2.59 4.66
C SER A 93 -19.94 1.50 3.61
N ALA A 94 -18.77 1.15 3.03
CA ALA A 94 -18.61 0.08 2.03
C ALA A 94 -18.98 -1.27 2.65
N GLU A 95 -18.57 -1.52 3.93
CA GLU A 95 -18.93 -2.72 4.68
C GLU A 95 -20.45 -2.80 4.77
N ILE A 96 -21.09 -1.75 5.32
CA ILE A 96 -22.52 -1.62 5.53
C ILE A 96 -23.30 -1.79 4.22
N PHE A 97 -22.90 -1.05 3.16
CA PHE A 97 -23.55 -1.09 1.84
C PHE A 97 -23.65 -2.51 1.29
N ASN A 98 -22.57 -3.30 1.43
CA ASN A 98 -22.44 -4.66 0.90
C ASN A 98 -22.96 -5.78 1.84
N LYS A 99 -23.63 -5.44 2.97
CA LYS A 99 -24.24 -6.46 3.82
C LYS A 99 -25.51 -6.92 3.09
N LYS A 100 -25.78 -8.23 3.12
CA LYS A 100 -26.96 -8.75 2.45
C LYS A 100 -28.22 -8.32 3.18
N LEU A 101 -29.22 -7.90 2.39
CA LEU A 101 -30.53 -7.41 2.82
C LEU A 101 -31.59 -8.15 1.97
N PRO A 102 -32.92 -8.13 2.30
CA PRO A 102 -33.91 -8.81 1.45
C PRO A 102 -33.94 -8.30 -0.01
N SER A 103 -34.69 -8.99 -0.89
CA SER A 103 -34.81 -8.63 -2.31
C SER A 103 -35.27 -7.17 -2.51
N GLY A 104 -34.55 -6.45 -3.35
CA GLY A 104 -34.83 -5.05 -3.68
C GLY A 104 -34.39 -4.02 -2.66
N HIS A 105 -33.98 -4.46 -1.44
CA HIS A 105 -33.55 -3.57 -0.35
C HIS A 105 -32.22 -2.89 -0.63
N SER A 106 -31.18 -3.64 -1.08
CA SER A 106 -29.87 -3.10 -1.45
C SER A 106 -30.00 -2.10 -2.60
N ASP A 107 -30.98 -2.33 -3.52
CA ASP A 107 -31.29 -1.47 -4.66
C ASP A 107 -31.90 -0.14 -4.18
N LEU A 108 -32.79 -0.20 -3.16
CA LEU A 108 -33.44 0.97 -2.57
C LEU A 108 -32.43 1.79 -1.74
N LEU A 109 -31.54 1.12 -1.01
CA LEU A 109 -30.48 1.72 -0.21
C LEU A 109 -29.58 2.55 -1.13
N GLU A 110 -29.15 1.95 -2.24
CA GLU A 110 -28.28 2.55 -3.27
C GLU A 110 -28.95 3.78 -3.90
N ALA A 111 -30.25 3.66 -4.24
CA ALA A 111 -31.03 4.76 -4.84
C ALA A 111 -31.25 5.89 -3.84
N ARG A 112 -31.35 5.54 -2.53
CA ARG A 112 -31.51 6.52 -1.44
C ARG A 112 -30.21 7.28 -1.17
N ILE A 113 -29.03 6.62 -1.32
CA ILE A 113 -27.72 7.29 -1.18
C ILE A 113 -27.48 8.19 -2.41
N ARG A 114 -27.92 7.72 -3.59
CA ARG A 114 -27.74 8.41 -4.86
C ARG A 114 -28.48 9.77 -4.90
N ASN A 115 -29.69 9.82 -4.31
CA ASN A 115 -30.50 11.04 -4.24
C ASN A 115 -30.52 11.65 -2.82
N SER A 116 -29.52 11.31 -1.99
CA SER A 116 -29.39 11.79 -0.62
C SER A 116 -29.14 13.29 -0.55
N GLY A 117 -28.32 13.82 -1.48
CA GLY A 117 -27.99 15.24 -1.54
C GLY A 117 -26.59 15.54 -2.05
N ILE A 118 -25.74 14.51 -2.23
CA ILE A 118 -24.37 14.65 -2.75
C ILE A 118 -24.39 14.94 -4.25
N SER A 119 -23.32 15.58 -4.75
CA SER A 119 -23.16 15.87 -6.16
C SER A 119 -22.89 14.60 -6.93
N ASP A 120 -23.41 14.56 -8.17
CA ASP A 120 -23.36 13.47 -9.14
C ASP A 120 -21.95 12.94 -9.36
N GLU A 121 -20.99 13.87 -9.42
CA GLU A 121 -19.58 13.61 -9.72
C GLU A 121 -18.86 12.75 -8.67
N TYR A 122 -19.35 12.76 -7.43
CA TYR A 122 -18.77 12.01 -6.34
C TYR A 122 -19.45 10.66 -6.09
N ILE A 123 -20.70 10.52 -6.54
CA ILE A 123 -21.52 9.31 -6.43
C ILE A 123 -20.85 8.13 -7.18
N THR A 124 -20.42 8.39 -8.43
CA THR A 124 -19.79 7.42 -9.34
C THR A 124 -18.52 6.78 -8.70
N PRO A 125 -17.46 7.54 -8.30
CA PRO A 125 -16.28 6.89 -7.69
C PRO A 125 -16.58 6.18 -6.36
N PHE A 127 -19.64 4.69 -5.47
CA PHE A 127 -20.33 3.45 -5.74
C PHE A 127 -19.45 2.43 -6.44
N SER A 128 -18.45 2.89 -7.23
CA SER A 128 -17.51 2.00 -7.92
C SER A 128 -16.62 1.35 -6.87
N PHE A 129 -16.22 2.14 -5.84
CA PHE A 129 -15.44 1.66 -4.71
C PHE A 129 -16.23 0.65 -3.87
N TYR A 130 -17.51 0.94 -3.58
CA TYR A 130 -18.40 0.05 -2.81
C TYR A 130 -18.58 -1.28 -3.50
N LYS A 131 -18.99 -1.27 -4.78
CA LYS A 131 -19.21 -2.46 -5.58
C LYS A 131 -17.93 -3.29 -5.71
N SER A 132 -16.77 -2.61 -5.85
CA SER A 132 -15.47 -3.27 -5.94
C SER A 132 -15.06 -3.92 -4.61
N ILE A 133 -15.51 -3.34 -3.46
CA ILE A 133 -15.24 -3.95 -2.14
C ILE A 133 -16.10 -5.21 -1.98
N GLY A 134 -17.33 -5.18 -2.52
CA GLY A 134 -18.28 -6.29 -2.46
C GLY A 134 -17.82 -7.51 -3.24
N GLU A 135 -17.12 -7.27 -4.36
CA GLU A 135 -16.55 -8.29 -5.25
C GLU A 135 -15.42 -9.08 -4.54
N LEU A 136 -14.97 -8.57 -3.36
CA LEU A 136 -13.95 -9.20 -2.54
C LEU A 136 -14.52 -10.19 -1.55
N LYS A 137 -15.85 -10.15 -1.33
CA LYS A 137 -16.60 -11.03 -0.40
C LYS A 137 -15.83 -11.16 0.93
N THR A 139 -14.87 -10.91 4.95
CA THR A 139 -15.43 -11.33 6.24
C THR A 139 -15.32 -10.14 7.18
N GLN A 140 -16.07 -10.15 8.30
CA GLN A 140 -16.03 -9.11 9.32
C GLN A 140 -14.59 -8.92 9.87
N GLU A 141 -13.83 -10.06 9.99
CA GLU A 141 -12.45 -10.19 10.44
C GLU A 141 -11.56 -9.42 9.51
N GLU A 142 -11.80 -9.60 8.20
CA GLU A 142 -11.05 -8.94 7.15
C GLU A 142 -11.27 -7.43 7.17
N TYR A 143 -12.54 -6.99 7.40
CA TYR A 143 -12.93 -5.58 7.52
C TYR A 143 -12.25 -4.96 8.75
N ALA A 144 -12.30 -5.67 9.90
CA ALA A 144 -11.66 -5.26 11.17
C ALA A 144 -10.16 -5.06 11.06
N LEU A 145 -9.46 -6.04 10.45
CA LEU A 145 -7.99 -6.01 10.25
C LEU A 145 -7.56 -4.95 9.29
N LEU A 146 -8.29 -4.82 8.15
CA LEU A 146 -8.00 -3.83 7.12
C LEU A 146 -8.18 -2.42 7.69
N THR A 147 -9.19 -2.22 8.57
CA THR A 147 -9.40 -0.93 9.27
C THR A 147 -8.19 -0.64 10.15
N ALA A 148 -7.69 -1.64 10.92
CA ALA A 148 -6.51 -1.49 11.78
C ALA A 148 -5.26 -1.16 10.96
N ILE A 149 -5.10 -1.82 9.81
CA ILE A 149 -4.03 -1.62 8.83
C ILE A 149 -4.08 -0.17 8.24
N VAL A 150 -5.29 0.31 7.93
CA VAL A 150 -5.53 1.68 7.43
C VAL A 150 -5.08 2.69 8.50
N ILE A 151 -5.47 2.46 9.77
CA ILE A 151 -5.12 3.33 10.89
C ILE A 151 -3.61 3.36 11.12
N LEU A 152 -3.02 2.18 11.19
CA LEU A 152 -1.59 2.07 11.46
C LEU A 152 -0.75 2.12 10.20
N SER A 153 -1.01 3.10 9.34
CA SER A 153 -0.26 3.31 8.09
C SER A 153 0.97 4.16 8.41
N PRO A 154 2.20 3.59 8.30
CA PRO A 154 3.40 4.40 8.59
C PRO A 154 3.68 5.52 7.58
N ASP A 155 3.13 5.40 6.36
CA ASP A 155 3.36 6.39 5.30
C ASP A 155 2.32 7.54 5.28
N ARG A 156 1.85 7.95 6.49
CA ARG A 156 0.93 9.09 6.63
C ARG A 156 1.77 10.34 6.70
N GLN A 157 1.16 11.50 6.41
CA GLN A 157 1.83 12.78 6.49
C GLN A 157 2.08 13.17 7.94
N TYR A 158 3.24 13.83 8.18
CA TYR A 158 3.70 14.38 9.47
C TYR A 158 4.03 13.31 10.55
N ILE A 159 4.35 12.07 10.12
CA ILE A 159 4.76 11.01 11.05
C ILE A 159 6.26 11.18 11.34
N LYS A 160 6.61 11.42 12.61
CA LYS A 160 8.00 11.58 13.06
C LYS A 160 8.75 10.24 13.07
N ASP A 161 8.10 9.16 13.55
CA ASP A 161 8.72 7.83 13.65
C ASP A 161 7.90 6.75 12.89
N ARG A 162 8.21 6.58 11.59
CA ARG A 162 7.61 5.62 10.67
C ARG A 162 7.82 4.19 11.12
N GLU A 163 9.05 3.88 11.60
CA GLU A 163 9.46 2.55 12.06
C GLU A 163 8.62 2.04 13.21
N ALA A 164 8.30 2.91 14.18
CA ALA A 164 7.45 2.56 15.33
C ALA A 164 6.06 2.12 14.84
N VAL A 165 5.48 2.84 13.86
CA VAL A 165 4.17 2.53 13.24
C VAL A 165 4.29 1.22 12.41
N GLU A 166 5.36 1.07 11.60
CA GLU A 166 5.68 -0.12 10.79
C GLU A 166 5.62 -1.38 11.65
N LYS A 167 6.34 -1.35 12.80
CA LYS A 167 6.42 -2.45 13.78
C LYS A 167 5.06 -2.84 14.34
N LEU A 168 4.10 -1.89 14.37
CA LEU A 168 2.75 -2.10 14.87
C LEU A 168 1.80 -2.64 13.80
N GLN A 169 1.96 -2.21 12.53
CA GLN A 169 1.12 -2.64 11.41
C GLN A 169 1.48 -4.03 10.88
N GLU A 170 2.79 -4.39 10.93
CA GLU A 170 3.34 -5.67 10.45
C GLU A 170 2.63 -6.91 11.04
N PRO A 171 2.36 -7.03 12.37
CA PRO A 171 1.65 -8.23 12.84
C PRO A 171 0.22 -8.34 12.30
N LEU A 172 -0.47 -7.20 12.06
CA LEU A 172 -1.84 -7.15 11.53
C LEU A 172 -1.90 -7.57 10.07
N LEU A 173 -0.88 -7.18 9.30
CA LEU A 173 -0.74 -7.57 7.89
C LEU A 173 -0.50 -9.07 7.81
N ASP A 174 0.34 -9.62 8.72
CA ASP A 174 0.66 -11.04 8.78
C ASP A 174 -0.58 -11.88 9.01
N VAL A 175 -1.46 -11.45 9.95
CA VAL A 175 -2.73 -12.09 10.29
C VAL A 175 -3.68 -12.06 9.11
N LEU A 176 -3.92 -10.87 8.55
CA LEU A 176 -4.78 -10.75 7.39
C LEU A 176 -4.36 -11.70 6.27
N GLN A 177 -3.04 -11.72 5.91
CA GLN A 177 -2.47 -12.56 4.85
C GLN A 177 -2.72 -14.04 5.13
N LYS A 178 -2.55 -14.48 6.40
CA LYS A 178 -2.85 -15.84 6.81
C LYS A 178 -4.34 -16.13 6.63
N LEU A 179 -5.22 -15.18 6.97
CA LEU A 179 -6.64 -15.36 6.78
C LEU A 179 -6.98 -15.50 5.30
N CYS A 180 -6.52 -14.54 4.45
CA CYS A 180 -6.73 -14.55 2.99
C CYS A 180 -6.35 -15.88 2.33
N LYS A 181 -5.17 -16.44 2.70
CA LYS A 181 -4.68 -17.70 2.13
C LYS A 181 -5.42 -18.95 2.71
N ILE A 182 -6.26 -18.74 3.76
CA ILE A 182 -7.04 -19.82 4.38
C ILE A 182 -8.45 -19.87 3.77
N HIS A 183 -9.22 -18.77 3.89
CA HIS A 183 -10.60 -18.68 3.37
C HIS A 183 -10.68 -18.76 1.86
N GLN A 184 -9.73 -18.13 1.15
CA GLN A 184 -9.72 -18.11 -0.30
C GLN A 184 -8.43 -18.67 -0.93
N PRO A 185 -8.16 -20.00 -0.85
CA PRO A 185 -6.98 -20.55 -1.55
C PRO A 185 -7.19 -20.51 -3.06
N GLU A 186 -8.48 -20.47 -3.48
CA GLU A 186 -8.99 -20.38 -4.86
C GLU A 186 -8.54 -19.10 -5.56
N ASN A 187 -8.48 -18.00 -4.79
CA ASN A 187 -8.03 -16.68 -5.24
C ASN A 187 -6.76 -16.34 -4.43
N PRO A 188 -5.56 -16.83 -4.84
CA PRO A 188 -4.33 -16.56 -4.07
C PRO A 188 -3.89 -15.09 -4.08
N GLN A 189 -4.55 -14.26 -4.92
CA GLN A 189 -4.31 -12.83 -5.07
C GLN A 189 -5.21 -11.98 -4.18
N HIS A 190 -6.08 -12.62 -3.37
CA HIS A 190 -7.04 -11.92 -2.49
C HIS A 190 -6.41 -10.88 -1.58
N PHE A 191 -5.28 -11.21 -0.94
CA PHE A 191 -4.54 -10.31 -0.05
C PHE A 191 -4.07 -9.07 -0.81
N ALA A 192 -3.50 -9.27 -2.02
CA ALA A 192 -3.02 -8.20 -2.92
C ALA A 192 -4.15 -7.26 -3.30
N CYS A 193 -5.35 -7.82 -3.58
CA CYS A 193 -6.57 -7.09 -3.94
C CYS A 193 -7.02 -6.21 -2.79
N LEU A 194 -6.96 -6.72 -1.53
CA LEU A 194 -7.34 -5.97 -0.31
C LEU A 194 -6.47 -4.75 -0.14
N LEU A 195 -5.15 -4.94 -0.21
CA LEU A 195 -4.16 -3.88 -0.08
C LEU A 195 -4.25 -2.85 -1.20
N GLY A 196 -4.70 -3.29 -2.38
CA GLY A 196 -4.91 -2.46 -3.55
C GLY A 196 -6.06 -1.48 -3.41
N ARG A 197 -7.13 -1.90 -2.69
CA ARG A 197 -8.31 -1.07 -2.39
C ARG A 197 -7.92 0.13 -1.51
N LEU A 198 -6.91 -0.05 -0.63
CA LEU A 198 -6.39 0.97 0.28
C LEU A 198 -5.91 2.22 -0.45
N THR A 199 -5.33 2.04 -1.66
CA THR A 199 -4.84 3.14 -2.48
C THR A 199 -6.02 3.89 -3.10
N GLU A 200 -7.20 3.23 -3.25
CA GLU A 200 -8.39 3.91 -3.76
C GLU A 200 -9.04 4.71 -2.63
N LEU A 201 -9.02 4.17 -1.39
CA LEU A 201 -9.53 4.85 -0.19
C LEU A 201 -8.85 6.22 -0.02
N ARG A 202 -7.52 6.28 -0.30
CA ARG A 202 -6.70 7.47 -0.17
C ARG A 202 -7.17 8.63 -1.05
N THR A 203 -7.79 8.32 -2.20
CA THR A 203 -8.29 9.33 -3.14
C THR A 203 -9.49 10.07 -2.56
N PHE A 204 -10.39 9.34 -1.86
CA PHE A 204 -11.57 9.89 -1.18
C PHE A 204 -11.20 10.93 -0.15
N ASN A 205 -10.03 10.73 0.50
CA ASN A 205 -9.51 11.63 1.53
C ASN A 205 -9.18 13.01 0.94
N HIS A 206 -8.55 13.01 -0.25
CA HIS A 206 -8.15 14.22 -0.98
C HIS A 206 -9.31 15.15 -1.39
N HIS A 207 -10.43 14.58 -1.90
CA HIS A 207 -11.58 15.37 -2.34
C HIS A 207 -12.74 15.44 -1.35
N HIS A 208 -12.54 14.94 -0.10
CA HIS A 208 -13.59 14.85 0.92
C HIS A 208 -14.24 16.20 1.31
N ALA A 209 -13.44 17.24 1.59
CA ALA A 209 -13.97 18.55 1.97
C ALA A 209 -14.89 19.15 0.88
N GLU A 210 -14.52 18.90 -0.40
CA GLU A 210 -15.27 19.30 -1.58
C GLU A 210 -16.56 18.49 -1.66
N LEU A 212 -18.34 17.20 0.83
CA LEU A 212 -19.21 17.72 1.89
C LEU A 212 -19.83 19.06 1.54
N SER A 214 -20.31 20.25 -1.40
CA SER A 214 -21.09 20.03 -2.63
C SER A 214 -22.52 19.53 -2.33
N TRP A 215 -22.81 19.06 -1.07
CA TRP A 215 -24.13 18.60 -0.63
C TRP A 215 -25.15 19.70 -0.90
N ARG A 216 -26.32 19.35 -1.49
CA ARG A 216 -27.37 20.30 -1.86
C ARG A 216 -28.19 20.76 -0.66
N VAL A 217 -27.51 21.43 0.27
CA VAL A 217 -28.05 22.03 1.50
C VAL A 217 -27.63 23.51 1.54
N ASN A 218 -28.42 24.34 2.25
CA ASN A 218 -28.17 25.77 2.39
C ASN A 218 -27.02 26.04 3.35
N ASP A 219 -26.93 25.25 4.45
CA ASP A 219 -25.89 25.40 5.46
C ASP A 219 -25.17 24.10 5.70
N HIS A 220 -23.84 24.14 5.61
CA HIS A 220 -23.02 22.97 5.85
C HIS A 220 -22.48 23.06 7.27
N LYS A 221 -23.35 22.71 8.23
CA LYS A 221 -23.05 22.73 9.65
C LYS A 221 -22.50 21.37 10.11
N PHE A 222 -21.31 21.39 10.73
CA PHE A 222 -20.61 20.22 11.26
C PHE A 222 -20.42 20.39 12.77
N THR A 223 -20.21 19.27 13.45
CA THR A 223 -19.96 19.22 14.90
C THR A 223 -18.51 19.65 15.15
N PRO A 224 -18.15 20.25 16.31
CA PRO A 224 -16.74 20.64 16.52
C PRO A 224 -15.72 19.51 16.31
N LEU A 225 -16.10 18.24 16.63
CA LEU A 225 -15.22 17.09 16.46
C LEU A 225 -14.96 16.81 14.98
N LEU A 226 -16.02 16.84 14.14
CA LEU A 226 -15.90 16.66 12.69
C LEU A 226 -15.10 17.81 12.07
N CYS A 227 -15.26 19.03 12.61
CA CYS A 227 -14.53 20.20 12.16
C CYS A 227 -13.02 20.01 12.30
N GLU A 228 -12.52 19.47 13.42
CA GLU A 228 -11.07 19.30 13.49
C GLU A 228 -10.56 18.02 12.81
N ILE A 229 -11.42 17.03 12.59
CA ILE A 229 -11.03 15.79 11.96
C ILE A 229 -11.04 15.92 10.41
N TRP A 230 -12.05 16.57 9.88
CA TRP A 230 -12.28 16.73 8.46
C TRP A 230 -11.74 18.04 7.87
N ASP A 231 -11.34 18.99 8.74
CA ASP A 231 -10.82 20.30 8.34
C ASP A 231 -11.86 21.05 7.50
N VAL A 232 -13.04 21.23 8.14
CA VAL A 232 -14.21 21.94 7.63
C VAL A 232 -14.51 23.03 8.64
N GLN A 233 -15.26 24.07 8.23
CA GLN A 233 -15.64 25.20 9.07
C GLN A 233 -17.13 25.19 9.30
N ASP B 2 -3.98 22.96 19.15
CA ASP B 2 -4.67 22.89 17.86
C ASP B 2 -5.88 21.94 17.97
N HIS B 3 -5.73 20.66 17.54
CA HIS B 3 -6.75 19.61 17.55
C HIS B 3 -7.00 19.15 19.00
N GLN B 4 -7.54 20.04 19.87
CA GLN B 4 -7.73 19.65 21.27
C GLN B 4 -8.84 18.60 21.53
N LEU B 5 -9.85 18.50 20.66
CA LEU B 5 -10.90 17.49 20.85
C LEU B 5 -10.39 16.08 20.64
N LEU B 6 -9.58 15.87 19.58
CA LEU B 6 -8.98 14.59 19.24
C LEU B 6 -7.92 14.24 20.30
N ARG B 7 -7.14 15.25 20.74
CA ARG B 7 -6.13 15.15 21.80
C ARG B 7 -6.81 14.71 23.11
N TYR B 8 -7.98 15.31 23.45
CA TYR B 8 -8.73 14.97 24.65
C TYR B 8 -9.17 13.49 24.64
N LEU B 9 -9.77 13.06 23.53
CA LEU B 9 -10.24 11.71 23.32
C LEU B 9 -9.13 10.66 23.37
N LEU B 10 -7.94 11.00 22.87
CA LEU B 10 -6.76 10.13 22.90
C LEU B 10 -6.08 10.05 24.26
N ASP B 11 -6.07 11.15 25.04
CA ASP B 11 -5.38 11.23 26.34
C ASP B 11 -6.23 10.83 27.59
N LYS B 12 -7.55 10.57 27.45
CA LYS B 12 -8.44 10.15 28.56
C LYS B 12 -7.97 8.87 29.24
N GLU C 5 -7.40 4.09 -23.96
CA GLU C 5 -6.21 3.70 -24.74
C GLU C 5 -5.04 4.67 -24.41
N LEU C 6 -3.78 4.26 -24.62
CA LEU C 6 -2.63 5.14 -24.37
C LEU C 6 -2.58 6.25 -25.43
N THR C 7 -2.12 7.45 -25.07
CA THR C 7 -1.98 8.59 -25.98
C THR C 7 -0.58 8.54 -26.60
N PRO C 8 -0.30 9.20 -27.76
CA PRO C 8 1.05 9.18 -28.34
C PRO C 8 2.17 9.62 -27.39
N ASP C 9 1.87 10.57 -26.47
CA ASP C 9 2.78 11.09 -25.44
C ASP C 9 3.11 10.00 -24.43
N GLN C 10 2.08 9.24 -24.01
CA GLN C 10 2.18 8.14 -23.07
C GLN C 10 2.98 6.98 -23.67
N GLN C 11 2.77 6.69 -24.97
CA GLN C 11 3.45 5.64 -25.72
C GLN C 11 4.95 6.00 -25.82
N THR C 12 5.26 7.30 -26.04
CA THR C 12 6.62 7.82 -26.11
C THR C 12 7.26 7.72 -24.71
N LEU C 13 6.50 8.03 -23.65
CA LEU C 13 6.93 7.94 -22.27
C LEU C 13 7.27 6.47 -21.91
N LEU C 14 6.36 5.53 -22.23
CA LEU C 14 6.49 4.10 -22.02
C LEU C 14 7.75 3.54 -22.68
N HIS C 15 8.00 3.89 -23.95
CA HIS C 15 9.19 3.43 -24.69
C HIS C 15 10.48 3.97 -24.14
N PHE C 16 10.46 5.23 -23.65
CA PHE C 16 11.60 5.88 -23.04
C PHE C 16 11.96 5.16 -21.72
N ILE C 17 10.95 4.83 -20.90
CA ILE C 17 11.09 4.11 -19.62
C ILE C 17 11.59 2.68 -19.92
N ASP C 19 13.36 1.44 -22.62
CA ASP C 19 14.75 1.41 -23.09
C ASP C 19 15.70 1.57 -21.91
N SER C 20 15.39 2.55 -21.05
CA SER C 20 16.11 2.90 -19.84
C SER C 20 16.16 1.71 -18.87
N TYR C 21 15.03 1.00 -18.72
CA TYR C 21 14.88 -0.19 -17.87
C TYR C 21 15.69 -1.38 -18.39
N ASN C 22 15.85 -1.48 -19.73
CA ASN C 22 16.57 -2.58 -20.37
C ASN C 22 18.09 -2.48 -20.25
N LYS C 23 18.61 -1.37 -19.70
CA LYS C 23 20.04 -1.19 -19.45
C LYS C 23 20.50 -2.09 -18.28
N GLN C 24 19.54 -2.80 -17.65
CA GLN C 24 19.77 -3.71 -16.54
C GLN C 24 20.41 -5.01 -17.02
N ARG C 25 21.02 -5.75 -16.08
CA ARG C 25 21.65 -7.05 -16.29
C ARG C 25 20.53 -8.03 -16.71
N PRO C 27 17.98 -11.04 -17.24
CA PRO C 27 17.51 -12.12 -16.32
C PRO C 27 18.18 -13.47 -16.56
N GLN C 28 18.57 -13.74 -17.82
CA GLN C 28 19.26 -14.95 -18.27
C GLN C 28 20.66 -15.05 -17.63
N GLU C 29 21.39 -13.91 -17.50
CA GLU C 29 22.74 -13.84 -16.90
C GLU C 29 22.76 -14.28 -15.43
N ILE C 30 21.70 -13.94 -14.68
CA ILE C 30 21.55 -14.26 -13.26
C ILE C 30 21.19 -15.74 -13.05
N THR C 31 20.10 -16.22 -13.72
CA THR C 31 19.60 -17.59 -13.66
C THR C 31 20.63 -18.62 -14.12
N ASN C 32 21.28 -18.40 -15.30
CA ASN C 32 22.32 -19.28 -15.84
C ASN C 32 23.49 -19.45 -14.86
N LYS C 33 23.86 -18.36 -14.15
CA LYS C 33 24.95 -18.34 -13.17
C LYS C 33 24.67 -19.23 -11.96
N ILE C 34 23.46 -19.14 -11.38
CA ILE C 34 23.12 -19.91 -10.18
C ILE C 34 22.58 -21.34 -10.52
N LEU C 35 22.01 -21.55 -11.74
CA LEU C 35 21.49 -22.86 -12.16
C LEU C 35 22.61 -23.83 -12.50
N LYS C 36 23.70 -23.34 -13.15
CA LYS C 36 24.83 -24.15 -13.58
C LYS C 36 25.59 -24.82 -12.43
N GLU C 37 26.03 -24.01 -11.46
CA GLU C 37 26.79 -24.48 -10.30
C GLU C 37 26.10 -24.18 -8.98
N ALA C 38 26.25 -25.09 -8.01
CA ALA C 38 25.74 -24.92 -6.66
C ALA C 38 26.87 -24.26 -5.87
N PHE C 39 26.55 -23.19 -5.14
CA PHE C 39 27.55 -22.44 -4.40
C PHE C 39 27.35 -22.49 -2.89
N SER C 40 28.42 -22.26 -2.13
CA SER C 40 28.39 -22.19 -0.68
C SER C 40 27.74 -20.87 -0.27
N ALA C 41 27.30 -20.74 0.99
CA ALA C 41 26.68 -19.51 1.47
C ALA C 41 27.62 -18.30 1.32
N GLU C 42 28.94 -18.53 1.49
CA GLU C 42 30.00 -17.52 1.35
C GLU C 42 30.05 -16.95 -0.08
N GLU C 43 30.06 -17.85 -1.09
CA GLU C 43 30.08 -17.50 -2.51
C GLU C 43 28.78 -16.80 -2.93
N ASN C 44 27.63 -17.29 -2.42
CA ASN C 44 26.30 -16.76 -2.66
C ASN C 44 26.10 -15.35 -2.07
N PHE C 45 26.68 -15.09 -0.88
CA PHE C 45 26.63 -13.77 -0.23
C PHE C 45 27.36 -12.76 -1.12
N LEU C 46 28.56 -13.15 -1.60
CA LEU C 46 29.43 -12.43 -2.52
C LEU C 46 28.74 -12.20 -3.87
N ILE C 47 28.02 -13.24 -4.40
CA ILE C 47 27.25 -13.11 -5.64
C ILE C 47 26.17 -12.03 -5.43
N LEU C 48 25.37 -12.12 -4.34
CA LEU C 48 24.32 -11.13 -4.03
C LEU C 48 24.87 -9.70 -3.92
N THR C 49 25.97 -9.52 -3.16
CA THR C 49 26.66 -8.25 -2.95
C THR C 49 27.12 -7.63 -4.33
N GLU C 50 27.62 -8.45 -5.26
CA GLU C 50 28.05 -8.03 -6.60
C GLU C 50 26.82 -7.65 -7.44
N ALA C 52 23.76 -6.77 -6.36
CA ALA C 52 23.14 -5.61 -5.73
C ALA C 52 23.88 -4.31 -6.01
N THR C 53 25.23 -4.36 -6.11
CA THR C 53 26.05 -3.18 -6.41
C THR C 53 25.77 -2.77 -7.86
N ASN C 54 25.76 -3.75 -8.79
CA ASN C 54 25.44 -3.50 -10.20
C ASN C 54 24.02 -2.93 -10.29
N HIS C 55 23.07 -3.56 -9.57
CA HIS C 55 21.66 -3.14 -9.50
C HIS C 55 21.51 -1.69 -9.07
N VAL C 56 22.17 -1.28 -7.96
CA VAL C 56 22.11 0.09 -7.45
C VAL C 56 22.64 1.09 -8.48
N GLN C 57 23.78 0.75 -9.12
CA GLN C 57 24.40 1.59 -10.14
C GLN C 57 23.43 1.88 -11.27
N VAL C 58 22.84 0.81 -11.84
CA VAL C 58 21.86 0.87 -12.94
C VAL C 58 20.54 1.54 -12.49
N LEU C 59 20.20 1.38 -11.19
CA LEU C 59 19.01 1.99 -10.59
C LEU C 59 19.16 3.52 -10.53
N VAL C 60 20.37 4.03 -10.16
CA VAL C 60 20.62 5.47 -10.11
C VAL C 60 20.46 6.05 -11.51
N GLU C 61 20.99 5.37 -12.55
CA GLU C 61 20.91 5.77 -13.95
C GLU C 61 19.49 5.76 -14.47
N PHE C 62 18.70 4.76 -14.08
CA PHE C 62 17.29 4.63 -14.46
C PHE C 62 16.50 5.77 -13.86
N THR C 63 16.70 6.00 -12.54
CA THR C 63 16.05 7.04 -11.73
C THR C 63 16.32 8.45 -12.28
N LYS C 64 17.57 8.77 -12.62
CA LYS C 64 17.90 10.10 -13.12
C LYS C 64 17.35 10.34 -14.55
N LYS C 65 16.96 9.28 -15.26
CA LYS C 65 16.33 9.41 -16.58
C LYS C 65 14.79 9.50 -16.42
N LEU C 66 14.25 9.35 -15.19
CA LEU C 66 12.81 9.48 -14.96
C LEU C 66 12.41 10.95 -15.16
N PRO C 67 11.35 11.22 -15.97
CA PRO C 67 10.96 12.62 -16.24
C PRO C 67 10.70 13.48 -15.02
N GLY C 68 11.42 14.60 -14.96
CA GLY C 68 11.32 15.57 -13.89
C GLY C 68 12.14 15.28 -12.65
N PHE C 69 12.80 14.11 -12.59
CA PHE C 69 13.62 13.72 -11.42
C PHE C 69 14.75 14.70 -11.14
N GLN C 70 15.44 15.18 -12.19
CA GLN C 70 16.54 16.13 -12.07
C GLN C 70 16.08 17.53 -11.64
N THR C 71 14.76 17.83 -11.76
CA THR C 71 14.21 19.13 -11.33
C THR C 71 13.87 19.13 -9.82
N LEU C 72 13.96 17.97 -9.16
CA LEU C 72 13.68 17.84 -7.73
C LEU C 72 14.82 18.33 -6.88
N ASP C 73 14.49 18.73 -5.63
CA ASP C 73 15.42 19.14 -4.60
C ASP C 73 16.40 17.97 -4.37
N HIS C 74 17.70 18.29 -4.32
CA HIS C 74 18.81 17.35 -4.20
C HIS C 74 18.75 16.46 -2.97
N GLU C 75 18.14 16.94 -1.86
CA GLU C 75 17.99 16.16 -0.63
C GLU C 75 16.88 15.13 -0.78
N ASP C 76 15.81 15.49 -1.52
CA ASP C 76 14.68 14.61 -1.78
C ASP C 76 15.07 13.51 -2.76
N GLN C 77 16.02 13.83 -3.67
CA GLN C 77 16.60 12.92 -4.66
C GLN C 77 17.28 11.75 -3.96
N ILE C 78 18.14 12.03 -2.96
CA ILE C 78 18.86 11.05 -2.15
C ILE C 78 17.84 10.20 -1.40
N ALA C 79 16.89 10.87 -0.72
CA ALA C 79 15.85 10.23 0.08
C ALA C 79 15.06 9.21 -0.72
N LEU C 80 14.65 9.56 -1.96
CA LEU C 80 13.91 8.69 -2.89
C LEU C 80 14.72 7.47 -3.28
N LEU C 81 16.01 7.66 -3.60
CA LEU C 81 16.89 6.57 -3.99
C LEU C 81 17.17 5.62 -2.82
N LYS C 82 17.44 6.19 -1.61
CA LYS C 82 17.67 5.45 -0.37
C LYS C 82 16.38 4.74 0.09
N GLY C 83 15.23 5.31 -0.25
CA GLY C 83 13.91 4.81 0.12
C GLY C 83 13.40 3.66 -0.73
N SER C 84 13.76 3.63 -2.02
CA SER C 84 13.28 2.63 -2.97
C SER C 84 14.22 1.49 -3.35
N ALA C 85 15.54 1.67 -3.15
CA ALA C 85 16.58 0.73 -3.58
C ALA C 85 16.35 -0.72 -3.21
N VAL C 86 15.97 -1.03 -1.95
CA VAL C 86 15.69 -2.41 -1.51
C VAL C 86 14.44 -2.97 -2.21
N GLU C 87 13.37 -2.17 -2.29
CA GLU C 87 12.11 -2.55 -2.94
C GLU C 87 12.32 -2.84 -4.43
N ALA C 88 13.08 -1.97 -5.11
CA ALA C 88 13.40 -2.09 -6.55
C ALA C 88 14.18 -3.37 -6.84
N PHE C 90 14.09 -6.26 -4.82
CA PHE C 90 13.19 -7.39 -4.64
C PHE C 90 12.17 -7.52 -5.77
N LEU C 91 11.72 -6.38 -6.34
CA LEU C 91 10.80 -6.39 -7.48
C LEU C 91 11.50 -6.97 -8.72
N ARG C 92 12.80 -6.66 -8.91
CA ARG C 92 13.63 -7.14 -10.02
C ARG C 92 13.93 -8.63 -9.86
N SER C 93 14.15 -9.09 -8.60
CA SER C 93 14.39 -10.50 -8.28
C SER C 93 13.11 -11.27 -8.57
N ALA C 94 11.95 -10.69 -8.20
CA ALA C 94 10.61 -11.24 -8.44
C ALA C 94 10.35 -11.36 -9.96
N GLU C 95 10.75 -10.33 -10.72
CA GLU C 95 10.65 -10.34 -12.19
C GLU C 95 11.44 -11.53 -12.73
N ILE C 96 12.75 -11.60 -12.39
CA ILE C 96 13.69 -12.65 -12.80
C ILE C 96 13.19 -14.05 -12.43
N PHE C 97 12.81 -14.24 -11.16
CA PHE C 97 12.31 -15.52 -10.64
C PHE C 97 11.16 -16.09 -11.49
N ASN C 98 10.21 -15.22 -11.89
CA ASN C 98 9.00 -15.56 -12.64
C ASN C 98 9.16 -15.59 -14.18
N LYS C 99 10.39 -15.45 -14.71
CA LYS C 99 10.62 -15.58 -16.15
C LYS C 99 10.55 -17.07 -16.49
N LYS C 100 9.96 -17.40 -17.66
CA LYS C 100 9.81 -18.78 -18.10
C LYS C 100 11.16 -19.38 -18.47
N LEU C 101 11.42 -20.58 -17.94
CA LEU C 101 12.63 -21.36 -18.14
C LEU C 101 12.20 -22.78 -18.55
N PRO C 102 13.09 -23.66 -19.10
CA PRO C 102 12.64 -25.03 -19.47
C PRO C 102 12.12 -25.85 -18.26
N SER C 103 11.58 -27.06 -18.51
CA SER C 103 11.03 -27.93 -17.47
C SER C 103 12.04 -28.21 -16.36
N GLY C 104 11.60 -28.03 -15.11
CA GLY C 104 12.41 -28.28 -13.92
C GLY C 104 13.41 -27.22 -13.54
N HIS C 105 13.70 -26.25 -14.44
CA HIS C 105 14.66 -25.14 -14.23
C HIS C 105 14.21 -24.16 -13.15
N SER C 106 12.92 -23.72 -13.19
CA SER C 106 12.33 -22.81 -12.19
C SER C 106 12.30 -23.46 -10.80
N ASP C 107 12.13 -24.80 -10.76
CA ASP C 107 12.11 -25.61 -9.53
C ASP C 107 13.51 -25.67 -8.90
N LEU C 108 14.55 -25.83 -9.76
CA LEU C 108 15.95 -25.88 -9.34
C LEU C 108 16.43 -24.50 -8.88
N LEU C 109 16.00 -23.43 -9.58
CA LEU C 109 16.33 -22.05 -9.25
C LEU C 109 15.80 -21.72 -7.85
N GLU C 110 14.53 -22.08 -7.59
CA GLU C 110 13.84 -21.89 -6.31
C GLU C 110 14.56 -22.63 -5.18
N ALA C 111 14.94 -23.89 -5.42
CA ALA C 111 15.63 -24.73 -4.45
C ALA C 111 17.06 -24.22 -4.18
N ARG C 112 17.73 -23.74 -5.23
CA ARG C 112 19.09 -23.20 -5.17
C ARG C 112 19.14 -21.94 -4.28
N ILE C 113 18.17 -21.00 -4.43
CA ILE C 113 18.13 -19.79 -3.63
C ILE C 113 17.64 -20.12 -2.20
N ARG C 114 16.70 -21.08 -2.05
CA ARG C 114 16.23 -21.54 -0.74
C ARG C 114 17.41 -21.97 0.14
N ASN C 115 18.44 -22.62 -0.47
CA ASN C 115 19.65 -23.05 0.23
C ASN C 115 20.86 -22.16 -0.05
N SER C 116 20.62 -20.92 -0.48
CA SER C 116 21.69 -19.97 -0.78
C SER C 116 22.50 -19.57 0.45
N GLY C 117 21.84 -19.38 1.59
CA GLY C 117 22.48 -19.00 2.84
C GLY C 117 21.64 -18.15 3.76
N ILE C 118 20.48 -17.68 3.28
CA ILE C 118 19.55 -16.85 4.04
C ILE C 118 18.82 -17.72 5.07
N SER C 119 18.35 -17.09 6.18
CA SER C 119 17.57 -17.75 7.22
C SER C 119 16.21 -18.12 6.66
N ASP C 120 15.68 -19.32 6.99
CA ASP C 120 14.41 -19.76 6.41
C ASP C 120 13.19 -18.91 6.84
N GLU C 121 13.29 -18.13 7.96
CA GLU C 121 12.22 -17.22 8.38
C GLU C 121 11.94 -16.11 7.33
N TYR C 122 12.96 -15.78 6.51
CA TYR C 122 12.87 -14.74 5.49
C TYR C 122 12.55 -15.32 4.10
N ILE C 123 12.85 -16.60 3.88
CA ILE C 123 12.61 -17.34 2.63
C ILE C 123 11.11 -17.40 2.30
N THR C 124 10.28 -17.74 3.32
CA THR C 124 8.83 -17.88 3.24
C THR C 124 8.15 -16.57 2.75
N PRO C 125 8.29 -15.39 3.43
CA PRO C 125 7.67 -14.16 2.90
C PRO C 125 8.20 -13.72 1.53
N PHE C 127 9.42 -15.84 -0.98
CA PHE C 127 8.84 -16.72 -2.01
C PHE C 127 7.34 -16.53 -2.18
N SER C 128 6.64 -16.12 -1.10
CA SER C 128 5.20 -15.86 -1.16
C SER C 128 4.98 -14.60 -1.99
N PHE C 129 5.88 -13.60 -1.83
CA PHE C 129 5.86 -12.36 -2.61
C PHE C 129 6.15 -12.65 -4.09
N TYR C 130 7.17 -13.49 -4.37
CA TYR C 130 7.57 -13.85 -5.74
C TYR C 130 6.42 -14.55 -6.47
N LYS C 131 5.87 -15.63 -5.87
CA LYS C 131 4.78 -16.41 -6.43
C LYS C 131 3.53 -15.55 -6.65
N SER C 132 3.27 -14.60 -5.71
CA SER C 132 2.13 -13.68 -5.82
C SER C 132 2.35 -12.66 -6.94
N ILE C 133 3.62 -12.30 -7.24
CA ILE C 133 3.90 -11.38 -8.36
C ILE C 133 3.67 -12.12 -9.69
N GLY C 134 4.00 -13.42 -9.73
CA GLY C 134 3.84 -14.28 -10.90
C GLY C 134 2.40 -14.49 -11.30
N GLU C 135 1.51 -14.56 -10.30
CA GLU C 135 0.06 -14.73 -10.45
C GLU C 135 -0.58 -13.50 -11.14
N LEU C 136 0.19 -12.40 -11.24
CA LEU C 136 -0.23 -11.16 -11.88
C LEU C 136 0.05 -11.16 -13.37
N LYS C 137 0.89 -12.10 -13.86
CA LYS C 137 1.28 -12.24 -15.27
C LYS C 137 1.63 -10.88 -15.87
N THR C 139 3.74 -7.78 -17.63
CA THR C 139 4.54 -7.55 -18.82
C THR C 139 5.79 -6.80 -18.37
N GLN C 140 6.84 -6.78 -19.20
CA GLN C 140 8.09 -6.06 -18.93
C GLN C 140 7.83 -4.56 -18.68
N GLU C 141 6.87 -4.00 -19.42
CA GLU C 141 6.42 -2.60 -19.35
C GLU C 141 5.75 -2.31 -18.03
N GLU C 142 4.99 -3.30 -17.50
CA GLU C 142 4.35 -3.21 -16.19
C GLU C 142 5.40 -3.23 -15.08
N TYR C 143 6.45 -4.08 -15.22
CA TYR C 143 7.58 -4.17 -14.28
C TYR C 143 8.37 -2.86 -14.28
N ALA C 144 8.66 -2.30 -15.48
CA ALA C 144 9.38 -1.04 -15.68
C ALA C 144 8.65 0.15 -15.02
N LEU C 145 7.33 0.27 -15.26
CA LEU C 145 6.49 1.35 -14.72
C LEU C 145 6.31 1.26 -13.22
N LEU C 146 6.07 0.03 -12.70
CA LEU C 146 5.91 -0.21 -11.28
C LEU C 146 7.21 0.13 -10.55
N THR C 147 8.38 -0.16 -11.16
CA THR C 147 9.69 0.21 -10.58
C THR C 147 9.79 1.74 -10.51
N ALA C 148 9.38 2.46 -11.57
CA ALA C 148 9.39 3.93 -11.60
C ALA C 148 8.44 4.51 -10.53
N ILE C 149 7.26 3.88 -10.35
CA ILE C 149 6.25 4.22 -9.34
C ILE C 149 6.82 4.01 -7.91
N VAL C 150 7.56 2.92 -7.69
CA VAL C 150 8.21 2.61 -6.42
C VAL C 150 9.24 3.70 -6.10
N ILE C 151 10.07 4.09 -7.11
CA ILE C 151 11.10 5.11 -6.94
C ILE C 151 10.48 6.47 -6.63
N LEU C 152 9.48 6.86 -7.41
CA LEU C 152 8.82 8.14 -7.24
C LEU C 152 7.66 8.10 -6.26
N SER C 153 7.89 7.52 -5.08
CA SER C 153 6.91 7.43 -3.99
C SER C 153 6.99 8.69 -3.13
N PRO C 154 5.90 9.50 -3.01
CA PRO C 154 5.96 10.74 -2.21
C PRO C 154 6.06 10.53 -0.72
N ASP C 155 5.50 9.42 -0.24
CA ASP C 155 5.39 9.09 1.17
C ASP C 155 6.63 8.40 1.75
N ARG C 156 7.81 8.73 1.18
CA ARG C 156 9.08 8.21 1.71
C ARG C 156 9.47 9.07 2.89
N GLN C 157 10.34 8.56 3.77
CA GLN C 157 10.85 9.32 4.92
C GLN C 157 11.79 10.44 4.46
N TYR C 158 11.73 11.60 5.15
CA TYR C 158 12.56 12.79 4.98
C TYR C 158 12.34 13.53 3.64
N ILE C 159 11.17 13.37 3.01
CA ILE C 159 10.82 14.10 1.79
C ILE C 159 10.30 15.49 2.18
N LYS C 160 11.01 16.54 1.74
CA LYS C 160 10.63 17.94 1.99
C LYS C 160 9.41 18.36 1.18
N ASP C 161 9.34 17.97 -0.11
CA ASP C 161 8.26 18.33 -1.02
C ASP C 161 7.56 17.10 -1.65
N ARG C 162 6.54 16.57 -0.95
CA ARG C 162 5.72 15.42 -1.35
C ARG C 162 4.98 15.65 -2.66
N GLU C 163 4.43 16.88 -2.82
CA GLU C 163 3.66 17.30 -3.99
C GLU C 163 4.47 17.24 -5.28
N ALA C 164 5.75 17.67 -5.24
CA ALA C 164 6.65 17.62 -6.39
C ALA C 164 6.84 16.17 -6.85
N VAL C 165 6.94 15.20 -5.87
CA VAL C 165 7.09 13.77 -6.14
C VAL C 165 5.78 13.19 -6.68
N GLU C 166 4.64 13.58 -6.08
CA GLU C 166 3.27 13.21 -6.49
C GLU C 166 3.06 13.55 -7.96
N LYS C 167 3.38 14.80 -8.36
CA LYS C 167 3.25 15.32 -9.75
C LYS C 167 4.06 14.53 -10.76
N LEU C 168 5.16 13.90 -10.31
CA LEU C 168 6.05 13.08 -11.13
C LEU C 168 5.59 11.64 -11.27
N GLN C 169 5.02 11.07 -10.19
CA GLN C 169 4.53 9.69 -10.16
C GLN C 169 3.16 9.52 -10.85
N GLU C 170 2.29 10.56 -10.78
CA GLU C 170 0.94 10.57 -11.38
C GLU C 170 0.90 10.22 -12.89
N PRO C 171 1.78 10.75 -13.78
CA PRO C 171 1.72 10.31 -15.19
C PRO C 171 2.04 8.83 -15.39
N LEU C 172 2.95 8.29 -14.55
CA LEU C 172 3.37 6.88 -14.61
C LEU C 172 2.27 5.95 -14.15
N LEU C 173 1.51 6.37 -13.12
CA LEU C 173 0.36 5.62 -12.60
C LEU C 173 -0.73 5.57 -13.66
N ASP C 174 -0.95 6.71 -14.37
CA ASP C 174 -1.94 6.84 -15.46
C ASP C 174 -1.65 5.86 -16.59
N VAL C 175 -0.36 5.74 -16.98
CA VAL C 175 0.12 4.82 -18.02
C VAL C 175 -0.09 3.35 -17.54
N LEU C 176 0.35 2.99 -16.29
CA LEU C 176 0.20 1.63 -15.76
C LEU C 176 -1.26 1.21 -15.60
N GLN C 177 -2.14 2.15 -15.24
CA GLN C 177 -3.57 1.88 -15.16
C GLN C 177 -4.07 1.48 -16.58
N LYS C 178 -3.63 2.20 -17.63
CA LYS C 178 -3.94 1.91 -19.02
C LYS C 178 -3.44 0.54 -19.46
N LEU C 179 -2.15 0.23 -19.19
CA LEU C 179 -1.58 -1.07 -19.54
C LEU C 179 -2.39 -2.22 -18.97
N CYS C 180 -2.84 -2.07 -17.71
CA CYS C 180 -3.66 -3.04 -16.97
C CYS C 180 -5.00 -3.27 -17.64
N LYS C 181 -5.70 -2.18 -18.06
CA LYS C 181 -7.01 -2.24 -18.73
C LYS C 181 -6.82 -2.93 -20.09
N ILE C 182 -5.68 -2.65 -20.76
CA ILE C 182 -5.31 -3.19 -22.06
C ILE C 182 -4.97 -4.69 -22.00
N HIS C 183 -3.96 -5.08 -21.18
CA HIS C 183 -3.44 -6.46 -21.10
C HIS C 183 -4.28 -7.42 -20.26
N GLN C 184 -5.05 -6.92 -19.28
CA GLN C 184 -5.93 -7.77 -18.48
C GLN C 184 -7.34 -7.16 -18.33
N PRO C 185 -8.11 -7.02 -19.43
CA PRO C 185 -9.46 -6.43 -19.29
C PRO C 185 -10.49 -7.34 -18.60
N GLU C 186 -10.18 -8.65 -18.50
CA GLU C 186 -11.02 -9.65 -17.84
C GLU C 186 -10.94 -9.52 -16.32
N ASN C 187 -9.80 -8.96 -15.82
CA ASN C 187 -9.52 -8.70 -14.41
C ASN C 187 -9.47 -7.17 -14.19
N PRO C 188 -10.64 -6.49 -13.95
CA PRO C 188 -10.61 -5.02 -13.77
C PRO C 188 -9.91 -4.55 -12.49
N GLN C 189 -9.56 -5.52 -11.61
CA GLN C 189 -8.87 -5.30 -10.34
C GLN C 189 -7.35 -5.43 -10.46
N HIS C 190 -6.82 -5.72 -11.66
CA HIS C 190 -5.38 -5.91 -11.90
C HIS C 190 -4.50 -4.76 -11.41
N PHE C 191 -4.91 -3.50 -11.69
CA PHE C 191 -4.20 -2.30 -11.28
C PHE C 191 -4.12 -2.22 -9.76
N ALA C 192 -5.26 -2.47 -9.06
CA ALA C 192 -5.37 -2.48 -7.60
C ALA C 192 -4.43 -3.52 -7.00
N CYS C 193 -4.34 -4.71 -7.61
CA CYS C 193 -3.46 -5.82 -7.19
C CYS C 193 -2.00 -5.42 -7.28
N LEU C 194 -1.61 -4.70 -8.37
CA LEU C 194 -0.24 -4.23 -8.57
C LEU C 194 0.19 -3.29 -7.46
N LEU C 195 -0.65 -2.29 -7.18
CA LEU C 195 -0.44 -1.28 -6.15
C LEU C 195 -0.42 -1.88 -4.75
N GLY C 196 -1.17 -2.98 -4.57
CA GLY C 196 -1.27 -3.70 -3.32
C GLY C 196 0.01 -4.43 -2.97
N ARG C 197 0.73 -4.91 -4.00
CA ARG C 197 2.02 -5.59 -3.91
C ARG C 197 3.17 -4.65 -3.48
N LEU C 198 2.98 -3.33 -3.65
CA LEU C 198 3.90 -2.27 -3.23
C LEU C 198 3.99 -2.16 -1.72
N THR C 199 2.86 -2.39 -1.02
CA THR C 199 2.80 -2.33 0.44
C THR C 199 3.49 -3.56 1.02
N GLU C 200 3.59 -4.68 0.25
CA GLU C 200 4.31 -5.87 0.71
C GLU C 200 5.80 -5.66 0.52
N LEU C 201 6.20 -4.99 -0.58
CA LEU C 201 7.60 -4.64 -0.86
C LEU C 201 8.19 -3.83 0.30
N ARG C 202 7.39 -2.91 0.88
CA ARG C 202 7.78 -2.02 1.99
C ARG C 202 8.19 -2.79 3.24
N THR C 203 7.62 -4.00 3.45
CA THR C 203 7.92 -4.83 4.63
C THR C 203 9.34 -5.37 4.54
N PHE C 204 9.77 -5.78 3.33
CA PHE C 204 11.13 -6.28 3.05
C PHE C 204 12.17 -5.24 3.38
N ASN C 205 11.86 -3.95 3.19
CA ASN C 205 12.75 -2.81 3.47
C ASN C 205 13.05 -2.72 4.98
N HIS C 206 12.02 -2.89 5.82
CA HIS C 206 12.08 -2.82 7.28
C HIS C 206 13.00 -3.88 7.91
N HIS C 207 12.94 -5.14 7.41
CA HIS C 207 13.74 -6.27 7.93
C HIS C 207 14.93 -6.64 7.05
N HIS C 208 15.30 -5.75 6.10
CA HIS C 208 16.40 -6.03 5.18
C HIS C 208 17.76 -6.17 5.86
N ALA C 209 18.14 -5.24 6.77
CA ALA C 209 19.42 -5.30 7.48
C ALA C 209 19.55 -6.61 8.28
N GLU C 210 18.44 -7.08 8.88
CA GLU C 210 18.33 -8.33 9.62
C GLU C 210 18.47 -9.51 8.66
N LEU C 212 20.16 -9.64 5.80
CA LEU C 212 21.55 -9.67 5.39
C LEU C 212 22.46 -10.23 6.48
N SER C 214 21.62 -12.19 8.89
CA SER C 214 21.16 -13.55 9.14
C SER C 214 21.78 -14.59 8.20
N TRP C 215 22.42 -14.14 7.08
CA TRP C 215 23.11 -15.01 6.11
C TRP C 215 24.14 -15.86 6.84
N ARG C 216 24.17 -17.17 6.56
CA ARG C 216 25.09 -18.13 7.21
C ARG C 216 26.55 -18.00 6.70
N VAL C 217 27.14 -16.82 6.93
CA VAL C 217 28.52 -16.48 6.57
C VAL C 217 29.22 -15.93 7.82
N ASN C 218 30.55 -16.05 7.87
CA ASN C 218 31.37 -15.58 8.98
C ASN C 218 31.50 -14.06 8.99
N ASP C 219 31.64 -13.47 7.79
CA ASP C 219 31.81 -12.03 7.65
C ASP C 219 30.79 -11.46 6.68
N HIS C 220 30.06 -10.45 7.13
CA HIS C 220 29.06 -9.78 6.30
C HIS C 220 29.70 -8.51 5.74
N LYS C 221 30.52 -8.70 4.69
CA LYS C 221 31.25 -7.63 4.01
C LYS C 221 30.44 -7.09 2.84
N PHE C 222 30.21 -5.77 2.84
CA PHE C 222 29.48 -5.03 1.81
C PHE C 222 30.40 -4.00 1.15
N THR C 223 30.05 -3.60 -0.08
CA THR C 223 30.78 -2.60 -0.85
C THR C 223 30.45 -1.21 -0.28
N PRO C 224 31.33 -0.19 -0.35
CA PRO C 224 30.97 1.15 0.18
C PRO C 224 29.65 1.72 -0.35
N LEU C 225 29.29 1.41 -1.62
CA LEU C 225 28.05 1.88 -2.24
C LEU C 225 26.83 1.23 -1.56
N LEU C 226 26.87 -0.10 -1.32
CA LEU C 226 25.80 -0.83 -0.63
C LEU C 226 25.70 -0.36 0.82
N CYS C 227 26.85 -0.03 1.44
CA CYS C 227 26.88 0.50 2.81
C CYS C 227 26.09 1.82 2.89
N GLU C 228 26.36 2.74 1.95
CA GLU C 228 25.75 4.06 1.81
C GLU C 228 24.23 4.05 1.54
N ILE C 229 23.71 2.98 0.90
CA ILE C 229 22.29 2.89 0.55
C ILE C 229 21.48 1.92 1.46
N TRP C 230 22.04 0.73 1.84
CA TRP C 230 21.40 -0.27 2.72
C TRP C 230 21.54 0.03 4.22
N ASP C 231 22.53 0.88 4.57
CA ASP C 231 22.91 1.36 5.91
C ASP C 231 23.12 0.24 6.97
N VAL C 232 24.39 -0.18 7.28
CA VAL C 232 25.67 0.30 6.72
C VAL C 232 26.67 -0.86 6.58
N ASP D 2 23.43 8.24 1.56
CA ASP D 2 23.50 9.48 2.33
C ASP D 2 24.64 10.40 1.83
N HIS D 3 25.88 9.88 1.83
CA HIS D 3 27.11 10.61 1.47
C HIS D 3 27.30 10.88 -0.04
N GLN D 4 28.56 11.13 -0.41
CA GLN D 4 29.08 11.57 -1.68
C GLN D 4 29.03 10.54 -2.82
N LEU D 5 28.90 9.23 -2.54
CA LEU D 5 28.83 8.24 -3.64
C LEU D 5 27.55 8.34 -4.43
N LEU D 6 26.40 8.49 -3.72
CA LEU D 6 25.08 8.65 -4.35
C LEU D 6 24.99 10.00 -5.02
N ARG D 7 25.56 11.03 -4.39
CA ARG D 7 25.66 12.40 -4.90
C ARG D 7 26.48 12.41 -6.21
N TYR D 8 27.61 11.66 -6.26
CA TYR D 8 28.45 11.55 -7.46
C TYR D 8 27.67 10.92 -8.62
N LEU D 9 26.99 9.80 -8.36
CA LEU D 9 26.18 9.08 -9.35
C LEU D 9 25.03 9.93 -9.89
N LEU D 10 24.41 10.76 -9.04
CA LEU D 10 23.30 11.63 -9.42
C LEU D 10 23.73 12.87 -10.19
N ASP D 11 24.93 13.44 -9.88
CA ASP D 11 25.42 14.69 -10.46
C ASP D 11 26.27 14.54 -11.73
N LYS D 12 26.75 13.33 -12.06
CA LYS D 12 27.53 13.12 -13.28
C LYS D 12 26.63 13.15 -14.54
N ASP D 13 27.26 13.13 -15.74
CA ASP D 13 26.61 13.18 -17.06
C ASP D 13 25.89 14.51 -17.29
#